data_4HPW
#
_entry.id   4HPW
#
_cell.length_a   52.629
_cell.length_b   38.830
_cell.length_c   82.957
_cell.angle_alpha   90.00
_cell.angle_beta   90.75
_cell.angle_gamma   90.00
#
_symmetry.space_group_name_H-M   'P 1 2 1'
#
loop_
_entity.id
_entity.type
_entity.pdbx_description
1 polymer 'Tyrosine--tRNA ligase'
2 non-polymer 3-methoxy-L-tyrosine
3 water water
#
_entity_poly.entity_id   1
_entity_poly.type   'polypeptide(L)'
_entity_poly.pdbx_seq_one_letter_code
;MDEFEMIKRNTSEIISEEELREVLKKDEKSAEIGFEPSGKIHLGHYLQIKKMIDLQNAGFDIIISLADLGAYLNQKGELD
EIRKIGDYNKKVFEAMGLKAKYVYGSEFGLDKDYTLNVYRLALKTTLKRARRSMELIAREDENPKVAEVIYPIMQVNNIH
YVGVDVAVGGMEQRKIHMLARELLPKKVVCIHNPVLTGLDGEGKMSSSKGNFIAVDDSPEEIRAKIKKAYCPAGVVEGNP
IMEIAKYFLEYPLTIKRPEKFGGDLTVNSYEELESLFKNKELHPMDLKNAVAEELIKILEPIRKRLAAHH
;
_entity_poly.pdbx_strand_id   A
#
# COMPACT_ATOMS: atom_id res chain seq x y z
N MET A 1 -15.97 11.64 -14.11
CA MET A 1 -14.62 11.25 -14.49
C MET A 1 -14.55 9.79 -14.98
N ASP A 2 -13.77 9.56 -16.03
CA ASP A 2 -13.66 8.23 -16.62
C ASP A 2 -12.73 7.30 -15.83
N GLU A 3 -12.65 6.04 -16.25
CA GLU A 3 -11.83 5.04 -15.58
C GLU A 3 -10.41 5.53 -15.34
N PHE A 4 -9.81 6.15 -16.35
CA PHE A 4 -8.44 6.63 -16.21
C PHE A 4 -8.30 7.57 -15.03
N GLU A 5 -9.06 8.66 -15.02
CA GLU A 5 -8.92 9.64 -13.96
C GLU A 5 -9.23 9.03 -12.58
N MET A 6 -10.17 8.09 -12.52
CA MET A 6 -10.44 7.43 -11.25
C MET A 6 -9.23 6.65 -10.79
N ILE A 7 -8.65 5.90 -11.72
CA ILE A 7 -7.46 5.14 -11.39
C ILE A 7 -6.33 6.07 -10.99
N LYS A 8 -6.16 7.17 -11.72
CA LYS A 8 -5.10 8.13 -11.42
C LYS A 8 -5.26 8.77 -10.04
N ARG A 9 -6.50 8.96 -9.61
CA ARG A 9 -6.78 9.62 -8.32
C ARG A 9 -5.90 9.10 -7.19
N ASN A 10 -5.25 10.02 -6.47
CA ASN A 10 -4.42 9.68 -5.31
C ASN A 10 -3.23 8.78 -5.59
N THR A 11 -2.77 8.74 -6.84
CA THR A 11 -1.53 8.03 -7.14
C THR A 11 -0.40 9.04 -7.20
N SER A 12 0.83 8.56 -7.03
CA SER A 12 2.01 9.43 -7.12
C SER A 12 2.53 9.50 -8.55
N GLU A 13 2.32 8.43 -9.31
CA GLU A 13 2.74 8.41 -10.71
C GLU A 13 2.26 7.15 -11.40
N ILE A 14 2.13 7.25 -12.72
CA ILE A 14 1.76 6.13 -13.58
C ILE A 14 2.81 6.06 -14.70
N ILE A 15 3.45 4.92 -14.87
CA ILE A 15 4.46 4.78 -15.92
C ILE A 15 4.03 3.76 -16.95
N SER A 16 3.49 4.20 -18.09
CA SER A 16 3.15 5.60 -18.30
CA SER A 16 3.15 5.60 -18.30
C SER A 16 1.63 5.75 -18.47
N GLU A 17 1.15 6.98 -18.42
CA GLU A 17 -0.27 7.26 -18.63
C GLU A 17 -0.71 6.84 -20.03
N GLU A 18 0.06 7.20 -21.04
CA GLU A 18 -0.22 6.76 -22.40
C GLU A 18 -0.37 5.23 -22.49
N GLU A 19 0.46 4.49 -21.73
CA GLU A 19 0.37 3.03 -21.82
C GLU A 19 -0.87 2.49 -21.12
N LEU A 20 -1.28 3.18 -20.06
CA LEU A 20 -2.48 2.83 -19.30
C LEU A 20 -3.74 2.99 -20.14
N ARG A 21 -3.79 4.10 -20.87
CA ARG A 21 -4.88 4.36 -21.79
C ARG A 21 -5.03 3.22 -22.78
N GLU A 22 -3.91 2.72 -23.30
CA GLU A 22 -3.94 1.57 -24.20
C GLU A 22 -4.39 0.30 -23.47
N VAL A 23 -3.85 0.04 -22.28
CA VAL A 23 -4.35 -1.08 -21.48
C VAL A 23 -5.86 -1.02 -21.28
N LEU A 24 -6.37 0.15 -20.92
CA LEU A 24 -7.80 0.32 -20.68
C LEU A 24 -8.71 -0.10 -21.84
N LYS A 25 -8.20 -0.03 -23.07
CA LYS A 25 -9.00 -0.36 -24.25
C LYS A 25 -9.15 -1.87 -24.49
N LYS A 26 -8.42 -2.68 -23.73
CA LYS A 26 -8.46 -4.13 -23.85
C LYS A 26 -9.70 -4.74 -23.20
N ASP A 27 -10.14 -5.87 -23.75
CA ASP A 27 -11.31 -6.55 -23.19
C ASP A 27 -10.99 -7.21 -21.86
N GLU A 28 -9.86 -7.91 -21.82
CA GLU A 28 -9.36 -8.55 -20.61
C GLU A 28 -8.01 -7.95 -20.23
N LYS A 29 -7.89 -7.51 -18.98
CA LYS A 29 -6.69 -6.89 -18.49
C LYS A 29 -6.54 -7.25 -17.02
N SER A 30 -5.31 -7.36 -16.55
CA SER A 30 -5.07 -7.72 -15.16
C SER A 30 -4.08 -6.79 -14.49
N ALA A 31 -4.17 -6.70 -13.17
CA ALA A 31 -3.29 -5.85 -12.39
C ALA A 31 -2.86 -6.64 -11.17
N GLU A 32 -1.58 -6.57 -10.84
CA GLU A 32 -1.09 -7.30 -9.67
C GLU A 32 -0.38 -6.37 -8.74
N ILE A 33 -0.28 -6.80 -7.48
CA ILE A 33 0.48 -6.08 -6.49
C ILE A 33 1.02 -7.18 -5.58
N GLY A 34 2.24 -7.01 -5.09
CA GLY A 34 2.81 -8.01 -4.19
C GLY A 34 3.01 -7.43 -2.81
N PHE A 35 2.77 -8.23 -1.77
CA PHE A 35 3.05 -7.80 -0.39
C PHE A 35 3.89 -8.86 0.26
N GLU A 36 5.00 -8.46 0.88
CA GLU A 36 5.67 -9.37 1.81
C GLU A 36 4.74 -9.57 3.02
N PRO A 37 4.47 -10.82 3.40
CA PRO A 37 3.56 -11.01 4.53
C PRO A 37 3.94 -10.15 5.73
N SER A 38 2.94 -9.57 6.37
CA SER A 38 3.18 -8.64 7.48
C SER A 38 2.26 -8.96 8.65
N GLY A 39 2.80 -8.89 9.86
CA GLY A 39 2.08 -9.26 11.05
C GLY A 39 0.89 -8.36 11.29
N LYS A 40 1.00 -7.09 10.90
CA LYS A 40 -0.13 -6.16 11.00
C LYS A 40 -0.43 -5.69 9.60
N ILE A 41 -1.72 -5.60 9.28
CA ILE A 41 -2.16 -4.97 8.05
C ILE A 41 -2.70 -3.60 8.43
N HIS A 42 -2.06 -2.56 7.92
CA HIS A 42 -2.37 -1.22 8.41
C HIS A 42 -2.81 -0.33 7.25
N LEU A 43 -3.04 0.94 7.52
CA LEU A 43 -3.57 1.87 6.53
C LEU A 43 -2.64 2.02 5.32
N GLY A 44 -1.35 1.82 5.53
CA GLY A 44 -0.41 1.80 4.39
C GLY A 44 -0.80 0.72 3.40
N HIS A 45 -1.10 -0.48 3.92
CA HIS A 45 -1.62 -1.58 3.09
C HIS A 45 -2.98 -1.26 2.50
N TYR A 46 -3.87 -0.71 3.33
CA TYR A 46 -5.24 -0.47 2.88
C TYR A 46 -5.22 0.52 1.74
N LEU A 47 -4.36 1.53 1.82
CA LEU A 47 -4.35 2.55 0.77
C LEU A 47 -4.11 1.88 -0.58
N GLN A 48 -3.25 0.87 -0.61
CA GLN A 48 -2.97 0.19 -1.86
C GLN A 48 -4.10 -0.75 -2.27
N ILE A 49 -4.69 -1.44 -1.31
CA ILE A 49 -5.84 -2.27 -1.65
C ILE A 49 -6.99 -1.41 -2.22
N LYS A 50 -7.14 -0.21 -1.68
CA LYS A 50 -8.16 0.69 -2.21
C LYS A 50 -7.92 0.97 -3.69
N LYS A 51 -6.65 1.12 -4.08
CA LYS A 51 -6.32 1.32 -5.49
C LYS A 51 -6.61 0.07 -6.34
N MET A 52 -6.37 -1.11 -5.77
CA MET A 52 -6.69 -2.34 -6.48
C MET A 52 -8.19 -2.45 -6.67
N ILE A 53 -8.96 -1.99 -5.68
CA ILE A 53 -10.41 -2.01 -5.82
C ILE A 53 -10.82 -1.07 -6.96
N ASP A 54 -10.14 0.06 -7.08
CA ASP A 54 -10.42 1.00 -8.16
C ASP A 54 -10.16 0.32 -9.49
N LEU A 55 -8.98 -0.29 -9.62
CA LEU A 55 -8.64 -1.03 -10.83
C LEU A 55 -9.66 -2.12 -11.14
N GLN A 56 -10.08 -2.86 -10.12
CA GLN A 56 -11.14 -3.85 -10.28
C GLN A 56 -12.48 -3.28 -10.78
N ASN A 57 -12.90 -2.16 -10.22
CA ASN A 57 -14.12 -1.51 -10.70
C ASN A 57 -13.99 -1.06 -12.14
N ALA A 58 -12.76 -0.87 -12.60
CA ALA A 58 -12.51 -0.45 -13.97
C ALA A 58 -12.34 -1.65 -14.92
N GLY A 59 -12.70 -2.84 -14.44
CA GLY A 59 -12.66 -4.03 -15.29
C GLY A 59 -11.37 -4.83 -15.28
N PHE A 60 -10.47 -4.54 -14.35
CA PHE A 60 -9.25 -5.35 -14.19
C PHE A 60 -9.48 -6.58 -13.32
N ASP A 61 -8.89 -7.70 -13.74
CA ASP A 61 -8.79 -8.89 -12.92
C ASP A 61 -7.62 -8.66 -11.99
N ILE A 62 -7.84 -8.83 -10.68
CA ILE A 62 -6.79 -8.52 -9.71
C ILE A 62 -6.05 -9.75 -9.18
N ILE A 63 -4.73 -9.68 -9.15
CA ILE A 63 -3.93 -10.74 -8.54
C ILE A 63 -3.14 -10.16 -7.38
N ILE A 64 -3.23 -10.79 -6.22
CA ILE A 64 -2.39 -10.36 -5.10
C ILE A 64 -1.32 -11.40 -4.90
N SER A 65 -0.08 -10.98 -5.01
CA SER A 65 1.05 -11.86 -4.74
CA SER A 65 1.06 -11.86 -4.75
C SER A 65 1.40 -11.80 -3.27
N LEU A 66 1.33 -12.93 -2.61
CA LEU A 66 1.79 -13.01 -1.23
C LEU A 66 3.25 -13.45 -1.34
N ALA A 67 4.16 -12.51 -1.11
CA ALA A 67 5.55 -12.70 -1.49
C ALA A 67 6.33 -13.36 -0.37
N ASP A 68 6.03 -14.63 -0.10
CA ASP A 68 6.68 -15.35 0.99
C ASP A 68 8.16 -15.58 0.70
N LEU A 69 8.44 -15.98 -0.53
CA LEU A 69 9.80 -16.26 -0.97
C LEU A 69 10.59 -14.97 -0.87
N GLY A 70 10.01 -13.88 -1.39
CA GLY A 70 10.62 -12.56 -1.31
C GLY A 70 10.91 -12.13 0.12
N ALA A 71 9.95 -12.32 1.02
CA ALA A 71 10.17 -11.99 2.42
C ALA A 71 11.33 -12.83 2.99
N TYR A 72 11.33 -14.11 2.63
CA TYR A 72 12.40 -14.99 3.06
C TYR A 72 13.76 -14.41 2.60
N LEU A 73 13.85 -13.99 1.34
CA LEU A 73 15.12 -13.40 0.87
C LEU A 73 15.42 -12.06 1.53
N ASN A 74 14.38 -11.37 2.01
CA ASN A 74 14.54 -10.08 2.67
C ASN A 74 14.62 -10.26 4.18
N GLN A 75 15.02 -11.46 4.59
CA GLN A 75 15.40 -11.77 5.97
C GLN A 75 14.25 -11.69 6.99
N LYS A 76 13.04 -12.00 6.57
CA LYS A 76 11.88 -11.84 7.45
C LYS A 76 11.63 -13.06 8.35
N GLY A 77 12.41 -14.12 8.15
CA GLY A 77 12.28 -15.31 8.97
C GLY A 77 12.23 -16.60 8.18
N GLU A 78 11.66 -17.64 8.76
CA GLU A 78 11.58 -18.95 8.10
C GLU A 78 10.34 -19.02 7.22
N LEU A 79 10.44 -19.75 6.11
CA LEU A 79 9.30 -19.86 5.19
C LEU A 79 7.99 -20.26 5.86
N ASP A 80 8.03 -21.33 6.66
CA ASP A 80 6.87 -21.81 7.40
C ASP A 80 6.14 -20.67 8.12
N GLU A 81 6.89 -19.88 8.89
CA GLU A 81 6.32 -18.75 9.63
C GLU A 81 5.81 -17.67 8.68
N ILE A 82 6.64 -17.30 7.71
CA ILE A 82 6.24 -16.29 6.75
C ILE A 82 4.92 -16.68 6.05
N ARG A 83 4.83 -17.94 5.64
CA ARG A 83 3.62 -18.43 4.98
C ARG A 83 2.40 -18.37 5.90
N LYS A 84 2.59 -18.60 7.19
CA LYS A 84 1.49 -18.52 8.15
C LYS A 84 0.93 -17.09 8.18
N ILE A 85 1.83 -16.12 8.21
CA ILE A 85 1.42 -14.72 8.21
C ILE A 85 0.77 -14.38 6.87
N GLY A 86 1.28 -14.98 5.80
CA GLY A 86 0.67 -14.81 4.49
C GLY A 86 -0.79 -15.27 4.50
N ASP A 87 -1.09 -16.36 5.20
CA ASP A 87 -2.45 -16.87 5.28
C ASP A 87 -3.35 -15.85 5.98
N TYR A 88 -2.83 -15.22 7.02
CA TYR A 88 -3.61 -14.24 7.76
C TYR A 88 -3.84 -13.01 6.88
N ASN A 89 -2.81 -12.57 6.17
CA ASN A 89 -2.95 -11.44 5.25
C ASN A 89 -4.03 -11.66 4.21
N LYS A 90 -4.11 -12.87 3.69
CA LYS A 90 -5.11 -13.21 2.70
C LYS A 90 -6.51 -12.98 3.26
N LYS A 91 -6.73 -13.37 4.51
CA LYS A 91 -8.05 -13.16 5.13
C LYS A 91 -8.38 -11.68 5.30
N VAL A 92 -7.38 -10.88 5.60
CA VAL A 92 -7.60 -9.46 5.83
C VAL A 92 -7.97 -8.76 4.52
N PHE A 93 -7.20 -9.04 3.45
CA PHE A 93 -7.50 -8.51 2.14
C PHE A 93 -8.90 -8.94 1.72
N GLU A 94 -9.25 -10.19 1.95
CA GLU A 94 -10.61 -10.64 1.63
C GLU A 94 -11.64 -9.86 2.44
N ALA A 95 -11.31 -9.53 3.68
CA ALA A 95 -12.25 -8.82 4.52
C ALA A 95 -12.37 -7.35 4.11
N MET A 96 -11.46 -6.89 3.25
CA MET A 96 -11.51 -5.50 2.79
C MET A 96 -12.43 -5.30 1.61
N GLY A 97 -13.10 -6.37 1.19
CA GLY A 97 -14.10 -6.28 0.12
C GLY A 97 -13.50 -6.53 -1.25
N LEU A 98 -12.21 -6.82 -1.27
CA LEU A 98 -11.50 -7.00 -2.53
C LEU A 98 -11.81 -8.35 -3.16
N LYS A 99 -12.15 -8.34 -4.44
CA LYS A 99 -12.33 -9.59 -5.17
C LYS A 99 -11.07 -9.86 -5.97
N ALA A 100 -10.27 -10.82 -5.52
CA ALA A 100 -9.00 -11.08 -6.17
C ALA A 100 -8.59 -12.55 -6.12
N LYS A 101 -7.57 -12.89 -6.90
CA LYS A 101 -6.92 -14.19 -6.79
C LYS A 101 -5.60 -13.98 -6.05
N TYR A 102 -5.24 -14.96 -5.23
CA TYR A 102 -4.09 -14.83 -4.36
C TYR A 102 -3.08 -15.90 -4.73
N VAL A 103 -1.84 -15.49 -4.96
CA VAL A 103 -0.78 -16.42 -5.32
CA VAL A 103 -0.77 -16.40 -5.35
C VAL A 103 0.43 -16.22 -4.44
N TYR A 104 0.93 -17.32 -3.87
CA TYR A 104 2.15 -17.25 -3.08
C TYR A 104 3.35 -17.32 -4.00
N GLY A 105 4.37 -16.51 -3.73
CA GLY A 105 5.58 -16.60 -4.53
C GLY A 105 6.10 -18.03 -4.68
N SER A 106 6.03 -18.81 -3.59
CA SER A 106 6.51 -20.19 -3.61
C SER A 106 5.65 -21.15 -4.43
N GLU A 107 4.45 -20.73 -4.80
CA GLU A 107 3.56 -21.58 -5.61
C GLU A 107 4.25 -21.93 -6.93
N PHE A 108 4.94 -20.95 -7.51
CA PHE A 108 5.57 -21.11 -8.81
C PHE A 108 7.05 -20.79 -8.74
N GLY A 109 7.42 -20.06 -7.70
CA GLY A 109 8.74 -19.45 -7.60
C GLY A 109 9.86 -20.41 -7.23
N LEU A 110 9.54 -21.69 -7.13
CA LEU A 110 10.54 -22.73 -6.95
C LEU A 110 10.55 -23.77 -8.09
N ASP A 111 9.76 -23.52 -9.13
CA ASP A 111 9.72 -24.42 -10.29
C ASP A 111 10.99 -24.31 -11.12
N LYS A 112 11.34 -25.39 -11.81
CA LYS A 112 12.53 -25.40 -12.66
C LYS A 112 12.55 -24.25 -13.65
N ASP A 113 11.47 -24.08 -14.41
CA ASP A 113 11.44 -23.04 -15.43
C ASP A 113 11.56 -21.64 -14.83
N TYR A 114 10.91 -21.43 -13.68
CA TYR A 114 10.98 -20.16 -13.00
C TYR A 114 12.43 -19.91 -12.59
N THR A 115 13.01 -20.88 -11.88
CA THR A 115 14.38 -20.73 -11.39
C THR A 115 15.37 -20.48 -12.52
N LEU A 116 15.25 -21.23 -13.60
CA LEU A 116 16.13 -20.99 -14.74
C LEU A 116 16.01 -19.54 -15.23
N ASN A 117 14.81 -18.97 -15.13
CA ASN A 117 14.63 -17.59 -15.56
C ASN A 117 15.25 -16.58 -14.59
N VAL A 118 15.26 -16.93 -13.30
CA VAL A 118 15.97 -16.11 -12.33
C VAL A 118 17.46 -16.03 -12.72
N TYR A 119 18.04 -17.17 -13.05
CA TYR A 119 19.46 -17.19 -13.41
C TYR A 119 19.69 -16.43 -14.70
N ARG A 120 18.74 -16.58 -15.63
CA ARG A 120 18.85 -15.87 -16.90
C ARG A 120 18.79 -14.37 -16.70
N LEU A 121 17.87 -13.89 -15.85
CA LEU A 121 17.81 -12.47 -15.53
C LEU A 121 19.05 -12.02 -14.78
N ALA A 122 19.57 -12.88 -13.88
CA ALA A 122 20.77 -12.53 -13.12
C ALA A 122 21.97 -12.33 -14.03
N LEU A 123 21.97 -13.01 -15.16
CA LEU A 123 23.00 -12.81 -16.17
C LEU A 123 22.87 -11.42 -16.79
N LYS A 124 21.70 -10.82 -16.67
CA LYS A 124 21.42 -9.55 -17.34
C LYS A 124 21.51 -8.34 -16.41
N THR A 125 21.55 -8.58 -15.11
CA THR A 125 21.38 -7.51 -14.12
C THR A 125 22.68 -7.21 -13.41
N THR A 126 23.10 -5.94 -13.43
CA THR A 126 24.37 -5.63 -12.79
C THR A 126 24.16 -5.68 -11.29
N LEU A 127 25.20 -6.03 -10.54
CA LEU A 127 25.13 -5.96 -9.09
C LEU A 127 24.77 -4.54 -8.68
N LYS A 128 25.33 -3.56 -9.39
CA LYS A 128 25.06 -2.15 -9.11
C LYS A 128 23.57 -1.79 -9.24
N ARG A 129 22.93 -2.21 -10.33
CA ARG A 129 21.49 -1.95 -10.51
C ARG A 129 20.69 -2.66 -9.44
N ALA A 130 21.03 -3.93 -9.20
CA ALA A 130 20.29 -4.69 -8.21
C ALA A 130 20.35 -3.99 -6.87
N ARG A 131 21.55 -3.61 -6.44
CA ARG A 131 21.71 -3.03 -5.11
C ARG A 131 20.97 -1.69 -4.94
N ARG A 132 21.10 -0.82 -5.93
CA ARG A 132 20.37 0.45 -5.90
C ARG A 132 18.86 0.22 -5.79
N SER A 133 18.36 -0.77 -6.51
CA SER A 133 16.92 -1.04 -6.54
C SER A 133 16.36 -1.46 -5.19
N MET A 134 17.25 -1.82 -4.26
CA MET A 134 16.83 -2.28 -2.94
C MET A 134 17.03 -1.23 -1.85
N GLU A 135 17.48 -0.04 -2.24
CA GLU A 135 17.77 1.00 -1.24
C GLU A 135 16.59 1.34 -0.33
N LEU A 136 15.39 1.49 -0.90
CA LEU A 136 14.22 1.85 -0.12
C LEU A 136 13.44 0.63 0.37
N ILE A 137 14.00 -0.56 0.18
CA ILE A 137 13.28 -1.80 0.47
C ILE A 137 13.93 -2.61 1.59
N ALA A 138 15.26 -2.58 1.63
CA ALA A 138 16.01 -3.29 2.66
C ALA A 138 16.69 -2.32 3.61
N ARG A 139 17.24 -2.85 4.69
CA ARG A 139 17.78 -2.05 5.79
C ARG A 139 19.13 -1.37 5.54
N GLU A 140 19.76 -1.66 4.41
CA GLU A 140 21.16 -1.26 4.22
C GLU A 140 21.99 -1.98 5.28
N ASP A 141 22.54 -3.13 4.90
CA ASP A 141 23.29 -3.95 5.86
C ASP A 141 24.76 -3.55 5.92
N GLU A 142 25.40 -3.91 7.03
CA GLU A 142 26.82 -3.66 7.22
C GLU A 142 27.61 -4.21 6.04
N ASN A 143 27.62 -5.53 5.93
CA ASN A 143 28.13 -6.21 4.75
C ASN A 143 26.94 -6.91 4.11
N PRO A 144 26.41 -6.33 3.03
CA PRO A 144 25.17 -6.88 2.45
C PRO A 144 25.40 -8.31 1.98
N LYS A 145 24.35 -9.10 1.98
CA LYS A 145 24.44 -10.52 1.61
C LYS A 145 23.98 -10.72 0.17
N VAL A 146 24.33 -11.86 -0.42
CA VAL A 146 23.91 -12.13 -1.79
C VAL A 146 22.38 -12.15 -1.94
N ALA A 147 21.67 -12.54 -0.89
CA ALA A 147 20.21 -12.63 -0.98
C ALA A 147 19.59 -11.31 -1.40
N GLU A 148 20.25 -10.21 -1.02
CA GLU A 148 19.71 -8.89 -1.28
C GLU A 148 19.64 -8.57 -2.76
N VAL A 149 20.56 -9.14 -3.54
CA VAL A 149 20.56 -8.89 -4.97
C VAL A 149 19.75 -9.95 -5.71
N ILE A 150 19.40 -11.03 -5.04
CA ILE A 150 18.50 -12.03 -5.64
C ILE A 150 17.03 -11.53 -5.57
N TYR A 151 16.69 -10.88 -4.47
CA TYR A 151 15.35 -10.31 -4.28
C TYR A 151 14.74 -9.55 -5.48
N PRO A 152 15.41 -8.50 -5.97
CA PRO A 152 14.80 -7.74 -7.08
C PRO A 152 14.58 -8.58 -8.33
N ILE A 153 15.48 -9.52 -8.61
CA ILE A 153 15.34 -10.37 -9.79
C ILE A 153 14.17 -11.30 -9.60
N MET A 154 14.04 -11.80 -8.40
CA MET A 154 12.88 -12.62 -8.10
C MET A 154 11.56 -11.82 -8.22
N GLN A 155 11.55 -10.57 -7.77
CA GLN A 155 10.33 -9.77 -7.93
C GLN A 155 10.02 -9.50 -9.39
N VAL A 156 11.05 -9.21 -10.17
CA VAL A 156 10.87 -9.02 -11.61
C VAL A 156 10.34 -10.30 -12.23
N ASN A 157 10.92 -11.44 -11.84
CA ASN A 157 10.46 -12.70 -12.40
C ASN A 157 8.99 -13.00 -12.03
N ASN A 158 8.60 -12.66 -10.79
CA ASN A 158 7.20 -12.84 -10.38
C ASN A 158 6.25 -12.03 -11.26
N ILE A 159 6.62 -10.79 -11.53
CA ILE A 159 5.83 -9.92 -12.40
C ILE A 159 5.65 -10.58 -13.77
N HIS A 160 6.72 -11.20 -14.26
CA HIS A 160 6.65 -11.90 -15.54
C HIS A 160 5.66 -13.05 -15.48
N TYR A 161 5.80 -13.89 -14.45
CA TYR A 161 4.98 -15.08 -14.34
C TYR A 161 3.51 -14.79 -14.03
N VAL A 162 3.26 -13.79 -13.20
CA VAL A 162 1.88 -13.44 -12.89
C VAL A 162 1.18 -12.90 -14.14
N GLY A 163 1.94 -12.25 -15.00
CA GLY A 163 1.43 -11.79 -16.28
C GLY A 163 0.51 -10.58 -16.31
N VAL A 164 0.53 -9.75 -15.27
CA VAL A 164 -0.36 -8.60 -15.29
C VAL A 164 0.09 -7.55 -16.28
N ASP A 165 -0.88 -6.78 -16.76
CA ASP A 165 -0.62 -5.63 -17.62
C ASP A 165 -0.13 -4.45 -16.78
N VAL A 166 -0.61 -4.40 -15.54
CA VAL A 166 -0.30 -3.32 -14.61
C VAL A 166 0.35 -3.92 -13.37
N ALA A 167 1.38 -3.26 -12.84
CA ALA A 167 1.93 -3.61 -11.53
C ALA A 167 1.75 -2.42 -10.62
N VAL A 168 1.20 -2.66 -9.43
CA VAL A 168 0.89 -1.59 -8.50
C VAL A 168 1.80 -1.78 -7.31
N GLY A 169 2.28 -0.68 -6.74
CA GLY A 169 3.03 -0.77 -5.50
C GLY A 169 3.28 0.61 -4.96
N GLY A 170 4.01 0.70 -3.86
CA GLY A 170 4.37 1.99 -3.31
C GLY A 170 5.51 2.59 -4.10
N MET A 171 5.75 3.89 -3.89
CA MET A 171 6.85 4.58 -4.55
C MET A 171 8.22 3.94 -4.35
N GLU A 172 8.39 3.21 -3.23
CA GLU A 172 9.67 2.56 -2.96
C GLU A 172 9.99 1.38 -3.90
N GLN A 173 8.97 0.89 -4.61
CA GLN A 173 9.12 -0.17 -5.61
C GLN A 173 9.54 0.34 -6.96
N ARG A 174 9.67 1.66 -7.10
CA ARG A 174 9.83 2.22 -8.43
C ARG A 174 11.11 1.73 -9.13
N LYS A 175 12.19 1.50 -8.39
CA LYS A 175 13.43 1.04 -9.05
C LYS A 175 13.32 -0.42 -9.51
N ILE A 176 12.64 -1.24 -8.72
CA ILE A 176 12.43 -2.62 -9.14
C ILE A 176 11.50 -2.64 -10.36
N HIS A 177 10.45 -1.83 -10.33
CA HIS A 177 9.55 -1.77 -11.47
C HIS A 177 10.24 -1.27 -12.74
N MET A 178 11.12 -0.29 -12.61
CA MET A 178 11.85 0.19 -13.78
C MET A 178 12.75 -0.90 -14.32
N LEU A 179 13.39 -1.64 -13.42
CA LEU A 179 14.17 -2.81 -13.82
C LEU A 179 13.29 -3.85 -14.53
N ALA A 180 12.07 -4.05 -14.03
CA ALA A 180 11.14 -4.98 -14.68
C ALA A 180 10.78 -4.50 -16.09
N ARG A 181 10.74 -3.20 -16.30
CA ARG A 181 10.42 -2.69 -17.64
C ARG A 181 11.61 -2.83 -18.59
N GLU A 182 12.81 -3.03 -18.05
CA GLU A 182 13.98 -3.22 -18.92
C GLU A 182 14.26 -4.69 -19.21
N LEU A 183 13.89 -5.55 -18.27
CA LEU A 183 14.27 -6.95 -18.31
C LEU A 183 13.23 -7.87 -18.94
N LEU A 184 11.97 -7.43 -19.01
CA LEU A 184 10.91 -8.32 -19.47
C LEU A 184 10.38 -7.93 -20.84
N PRO A 185 9.96 -8.92 -21.64
CA PRO A 185 9.48 -8.71 -23.00
C PRO A 185 8.25 -7.83 -23.05
N LYS A 186 7.40 -7.93 -22.04
CA LYS A 186 6.21 -7.09 -21.98
C LYS A 186 6.42 -6.04 -20.90
N LYS A 187 6.35 -4.79 -21.31
CA LYS A 187 6.54 -3.67 -20.40
C LYS A 187 5.30 -3.46 -19.54
N VAL A 188 5.40 -3.73 -18.26
CA VAL A 188 4.24 -3.56 -17.40
CA VAL A 188 4.24 -3.54 -17.39
C VAL A 188 4.00 -2.06 -17.13
N VAL A 189 2.73 -1.66 -17.14
CA VAL A 189 2.35 -0.29 -16.74
C VAL A 189 2.40 -0.21 -15.22
N CYS A 190 3.19 0.72 -14.69
CA CYS A 190 3.42 0.79 -13.23
C CYS A 190 2.62 1.91 -12.59
N ILE A 191 1.85 1.57 -11.56
CA ILE A 191 1.05 2.56 -10.84
C ILE A 191 1.56 2.61 -9.42
N HIS A 192 2.12 3.76 -9.02
CA HIS A 192 2.73 3.87 -7.71
C HIS A 192 1.87 4.72 -6.78
N ASN A 193 1.56 4.16 -5.62
CA ASN A 193 0.86 4.86 -4.58
C ASN A 193 1.77 5.66 -3.66
N PRO A 194 1.26 6.76 -3.11
CA PRO A 194 2.10 7.56 -2.22
C PRO A 194 2.49 6.75 -0.99
N VAL A 195 3.56 7.20 -0.34
CA VAL A 195 4.03 6.63 0.92
C VAL A 195 3.25 7.30 2.05
N LEU A 196 2.59 6.49 2.87
CA LEU A 196 1.79 7.05 3.95
C LEU A 196 2.68 7.21 5.17
N THR A 197 2.80 8.45 5.64
CA THR A 197 3.57 8.78 6.83
C THR A 197 3.07 8.04 8.06
N GLY A 198 3.99 7.50 8.85
CA GLY A 198 3.63 6.88 10.12
C GLY A 198 3.09 7.86 11.15
N LEU A 199 2.34 7.36 12.13
CA LEU A 199 1.77 8.22 13.18
C LEU A 199 2.83 8.99 13.95
N ASP A 200 4.04 8.43 14.05
CA ASP A 200 5.13 9.10 14.75
C ASP A 200 5.59 10.35 14.01
N GLY A 201 5.22 10.45 12.73
CA GLY A 201 5.69 11.54 11.89
C GLY A 201 7.14 11.36 11.46
N GLU A 202 7.66 10.16 11.60
CA GLU A 202 9.06 9.88 11.22
C GLU A 202 9.17 8.69 10.26
N GLY A 203 9.01 8.95 8.98
CA GLY A 203 9.08 7.87 8.00
C GLY A 203 7.73 7.22 7.78
N LYS A 204 7.72 6.13 7.02
CA LYS A 204 6.48 5.54 6.56
C LYS A 204 5.77 4.81 7.68
N MET A 205 4.49 4.54 7.47
CA MET A 205 3.75 3.74 8.43
C MET A 205 4.28 2.32 8.42
N SER A 206 4.41 1.73 9.59
CA SER A 206 5.11 0.45 9.76
C SER A 206 4.66 -0.15 11.07
N SER A 207 5.04 -1.40 11.30
CA SER A 207 4.61 -2.16 12.47
C SER A 207 5.26 -1.75 13.78
N SER A 208 6.09 -0.71 13.77
CA SER A 208 6.68 -0.25 15.02
C SER A 208 5.60 0.28 15.98
N LYS A 209 5.76 -0.01 17.26
CA LYS A 209 4.74 0.31 18.26
C LYS A 209 4.21 1.75 18.16
N GLY A 210 2.89 1.86 18.01
CA GLY A 210 2.22 3.16 18.04
C GLY A 210 2.29 3.90 16.70
N ASN A 211 2.99 3.30 15.73
CA ASN A 211 3.29 3.98 14.48
C ASN A 211 2.27 3.78 13.39
N PHE A 212 1.31 2.89 13.62
CA PHE A 212 0.39 2.44 12.57
C PHE A 212 -1.00 2.35 13.15
N ILE A 213 -2.00 2.40 12.27
CA ILE A 213 -3.34 2.00 12.64
C ILE A 213 -3.60 0.73 11.86
N ALA A 214 -3.84 -0.37 12.56
CA ALA A 214 -4.08 -1.65 11.91
C ALA A 214 -5.55 -1.69 11.54
N VAL A 215 -5.87 -2.25 10.38
CA VAL A 215 -7.25 -2.19 9.93
C VAL A 215 -8.19 -2.90 10.91
N ASP A 216 -7.63 -3.74 11.76
CA ASP A 216 -8.45 -4.47 12.72
C ASP A 216 -8.22 -4.04 14.15
N ASP A 217 -7.58 -2.89 14.32
CA ASP A 217 -7.42 -2.30 15.66
C ASP A 217 -8.80 -2.06 16.26
N SER A 218 -8.93 -2.26 17.57
CA SER A 218 -10.16 -1.97 18.31
C SER A 218 -10.36 -0.46 18.39
N PRO A 219 -11.59 0.00 18.68
CA PRO A 219 -11.75 1.46 18.71
C PRO A 219 -10.87 2.17 19.75
N GLU A 220 -10.61 1.56 20.90
CA GLU A 220 -9.82 2.24 21.93
C GLU A 220 -8.39 2.43 21.45
N GLU A 221 -7.89 1.45 20.72
CA GLU A 221 -6.54 1.50 20.16
CA GLU A 221 -6.52 1.56 20.20
C GLU A 221 -6.42 2.62 19.12
N ILE A 222 -7.40 2.69 18.23
CA ILE A 222 -7.42 3.73 17.20
C ILE A 222 -7.44 5.11 17.87
N ARG A 223 -8.28 5.30 18.87
CA ARG A 223 -8.35 6.60 19.56
C ARG A 223 -7.04 6.92 20.25
N ALA A 224 -6.53 5.97 21.02
CA ALA A 224 -5.26 6.20 21.71
C ALA A 224 -4.14 6.56 20.74
N LYS A 225 -3.99 5.80 19.67
CA LYS A 225 -2.86 6.02 18.76
C LYS A 225 -2.99 7.29 17.95
N ILE A 226 -4.22 7.62 17.57
CA ILE A 226 -4.47 8.87 16.85
C ILE A 226 -4.24 10.04 17.82
N LYS A 227 -4.64 9.88 19.07
CA LYS A 227 -4.45 10.96 20.03
C LYS A 227 -2.99 11.37 20.20
N LYS A 228 -2.09 10.39 20.24
CA LYS A 228 -0.69 10.69 20.45
C LYS A 228 0.11 10.85 19.16
N ALA A 229 -0.58 10.83 18.01
CA ALA A 229 0.13 10.97 16.74
C ALA A 229 0.76 12.35 16.60
N TYR A 230 1.76 12.43 15.73
CA TYR A 230 2.37 13.70 15.36
C TYR A 230 1.36 14.53 14.60
N CYS A 231 1.13 15.76 15.06
CA CYS A 231 0.10 16.58 14.45
C CYS A 231 0.18 18.03 14.92
N PRO A 232 1.23 18.74 14.49
CA PRO A 232 1.44 20.12 14.94
C PRO A 232 0.34 21.03 14.38
N ALA A 233 -0.10 21.99 15.17
CA ALA A 233 -1.15 22.89 14.75
C ALA A 233 -0.75 23.64 13.48
N GLY A 234 -1.65 23.69 12.51
CA GLY A 234 -1.43 24.45 11.30
C GLY A 234 -0.48 23.81 10.30
N VAL A 235 0.03 22.63 10.63
CA VAL A 235 1.02 22.00 9.78
C VAL A 235 0.42 20.85 8.98
N VAL A 236 0.39 20.99 7.66
CA VAL A 236 -0.17 19.96 6.79
C VAL A 236 0.90 18.98 6.27
N GLU A 237 2.05 19.50 5.85
CA GLU A 237 3.15 18.68 5.33
C GLU A 237 3.70 17.66 6.33
N GLY A 238 3.69 16.39 5.95
CA GLY A 238 4.18 15.32 6.81
C GLY A 238 3.30 15.07 8.04
N ASN A 239 2.09 15.60 8.00
CA ASN A 239 1.11 15.39 9.08
C ASN A 239 0.32 14.13 8.77
N PRO A 240 0.56 13.04 9.51
CA PRO A 240 -0.07 11.76 9.17
C PRO A 240 -1.58 11.84 9.39
N ILE A 241 -2.05 12.70 10.31
CA ILE A 241 -3.48 12.84 10.54
C ILE A 241 -4.18 13.47 9.32
N MET A 242 -3.58 14.52 8.78
CA MET A 242 -4.06 15.11 7.52
C MET A 242 -3.99 14.13 6.37
N GLU A 243 -2.91 13.35 6.26
CA GLU A 243 -2.85 12.36 5.20
C GLU A 243 -4.00 11.35 5.31
N ILE A 244 -4.31 10.94 6.53
CA ILE A 244 -5.41 10.00 6.72
C ILE A 244 -6.75 10.63 6.30
N ALA A 245 -6.90 11.92 6.58
CA ALA A 245 -8.11 12.65 6.23
C ALA A 245 -8.20 12.74 4.73
N LYS A 246 -7.05 12.89 4.09
CA LYS A 246 -7.00 13.00 2.64
C LYS A 246 -7.36 11.67 1.97
N TYR A 247 -6.77 10.58 2.44
CA TYR A 247 -6.83 9.32 1.70
C TYR A 247 -7.97 8.39 2.11
N PHE A 248 -8.54 8.55 3.30
CA PHE A 248 -9.53 7.55 3.75
C PHE A 248 -10.91 8.08 4.05
N LEU A 249 -11.01 9.35 4.36
CA LEU A 249 -12.27 9.90 4.84
C LEU A 249 -13.24 10.23 3.72
N GLU A 250 -14.53 10.26 4.07
CA GLU A 250 -15.61 10.58 3.15
C GLU A 250 -16.09 11.99 3.43
N TYR A 251 -16.36 12.76 2.38
CA TYR A 251 -16.87 14.13 2.51
C TYR A 251 -18.17 14.27 1.71
N PRO A 252 -19.06 15.19 2.13
CA PRO A 252 -18.97 16.08 3.29
C PRO A 252 -18.95 15.38 4.65
N LEU A 253 -18.28 16.00 5.59
CA LEU A 253 -18.04 15.43 6.92
C LEU A 253 -18.25 16.49 8.01
N THR A 254 -18.94 16.14 9.08
CA THR A 254 -19.12 17.07 10.18
C THR A 254 -18.15 16.74 11.32
N ILE A 255 -17.34 17.73 11.69
CA ILE A 255 -16.41 17.60 12.80
C ILE A 255 -17.08 18.09 14.09
N LYS A 256 -17.34 17.16 15.01
CA LYS A 256 -17.97 17.49 16.29
C LYS A 256 -17.05 18.33 17.15
N ARG A 257 -17.54 19.49 17.56
CA ARG A 257 -16.85 20.35 18.49
C ARG A 257 -17.83 20.87 19.53
N PRO A 258 -17.37 21.03 20.77
CA PRO A 258 -18.15 21.69 21.83
C PRO A 258 -18.41 23.18 21.50
N GLU A 259 -18.79 23.96 22.51
CA GLU A 259 -19.24 25.34 22.31
C GLU A 259 -18.11 26.37 22.20
N LYS A 260 -17.13 26.28 23.10
CA LYS A 260 -15.94 27.12 23.04
C LYS A 260 -15.11 26.76 21.81
N PHE A 261 -14.93 27.73 20.91
CA PHE A 261 -14.36 27.47 19.60
C PHE A 261 -15.15 26.37 18.89
N GLY A 262 -16.47 26.45 19.01
CA GLY A 262 -17.36 25.49 18.36
C GLY A 262 -18.19 26.11 17.25
N GLY A 263 -19.26 25.42 16.86
CA GLY A 263 -19.55 24.10 17.37
C GLY A 263 -19.21 23.10 16.28
N ASP A 264 -20.20 22.30 15.88
CA ASP A 264 -20.01 21.32 14.82
C ASP A 264 -19.58 22.00 13.52
N LEU A 265 -18.40 21.64 13.02
CA LEU A 265 -17.85 22.22 11.80
C LEU A 265 -18.16 21.32 10.61
N THR A 266 -18.90 21.83 9.65
CA THR A 266 -19.14 21.09 8.42
C THR A 266 -17.98 21.35 7.46
N VAL A 267 -17.42 20.27 6.93
CA VAL A 267 -16.33 20.35 5.97
C VAL A 267 -16.78 19.68 4.66
N ASN A 268 -16.89 20.47 3.60
CA ASN A 268 -17.37 19.94 2.32
C ASN A 268 -16.38 19.00 1.63
N SER A 269 -15.09 19.15 1.93
CA SER A 269 -14.07 18.35 1.24
C SER A 269 -12.76 18.40 1.97
N TYR A 270 -11.81 17.57 1.52
CA TYR A 270 -10.50 17.57 2.13
C TYR A 270 -9.86 18.95 1.99
N GLU A 271 -10.06 19.57 0.84
CA GLU A 271 -9.47 20.87 0.61
C GLU A 271 -10.01 21.91 1.59
N GLU A 272 -11.29 21.85 1.92
CA GLU A 272 -11.81 22.78 2.92
C GLU A 272 -11.11 22.53 4.24
N LEU A 273 -11.02 21.25 4.60
CA LEU A 273 -10.41 20.87 5.87
C LEU A 273 -8.96 21.35 5.92
N GLU A 274 -8.31 21.36 4.77
CA GLU A 274 -6.91 21.76 4.70
C GLU A 274 -6.79 23.22 5.07
N SER A 275 -7.58 24.07 4.41
CA SER A 275 -7.52 25.50 4.66
CA SER A 275 -7.56 25.51 4.66
C SER A 275 -7.82 25.83 6.13
N LEU A 276 -8.83 25.17 6.69
CA LEU A 276 -9.24 25.42 8.07
C LEU A 276 -8.14 25.02 9.05
N PHE A 277 -7.41 23.96 8.73
CA PHE A 277 -6.31 23.52 9.59
C PHE A 277 -5.09 24.44 9.48
N LYS A 278 -4.70 24.78 8.26
CA LYS A 278 -3.58 25.68 8.05
C LYS A 278 -3.80 27.06 8.70
N ASN A 279 -5.04 27.54 8.67
CA ASN A 279 -5.38 28.82 9.30
C ASN A 279 -5.61 28.72 10.81
N LYS A 280 -5.32 27.55 11.37
CA LYS A 280 -5.49 27.31 12.80
C LYS A 280 -6.92 27.54 13.33
N GLU A 281 -7.90 27.54 12.43
CA GLU A 281 -9.30 27.56 12.85
C GLU A 281 -9.73 26.20 13.43
N LEU A 282 -9.21 25.13 12.86
CA LEU A 282 -9.42 23.78 13.36
C LEU A 282 -8.17 23.32 14.12
N HIS A 283 -8.32 23.09 15.42
CA HIS A 283 -7.17 22.69 16.23
C HIS A 283 -6.89 21.21 16.10
N PRO A 284 -5.62 20.80 16.28
CA PRO A 284 -5.27 19.38 16.20
C PRO A 284 -6.16 18.49 17.05
N MET A 285 -6.62 18.94 18.21
CA MET A 285 -7.42 18.06 19.06
C MET A 285 -8.73 17.65 18.42
N ASP A 286 -9.45 18.63 17.85
CA ASP A 286 -10.71 18.36 17.17
C ASP A 286 -10.49 17.55 15.90
N LEU A 287 -9.42 17.87 15.19
CA LEU A 287 -9.08 17.09 14.00
C LEU A 287 -8.87 15.63 14.35
N LYS A 288 -8.03 15.37 15.35
CA LYS A 288 -7.76 13.98 15.72
C LYS A 288 -9.04 13.25 16.15
N ASN A 289 -9.81 13.86 17.04
CA ASN A 289 -11.08 13.28 17.48
C ASN A 289 -11.98 12.87 16.33
N ALA A 290 -12.09 13.71 15.31
CA ALA A 290 -12.97 13.41 14.17
C ALA A 290 -12.38 12.33 13.25
N VAL A 291 -11.06 12.36 13.05
CA VAL A 291 -10.40 11.34 12.27
C VAL A 291 -10.49 9.98 12.97
N ALA A 292 -10.27 9.96 14.28
CA ALA A 292 -10.44 8.73 15.05
C ALA A 292 -11.84 8.16 14.89
N GLU A 293 -12.88 8.98 15.05
CA GLU A 293 -14.24 8.47 14.92
C GLU A 293 -14.60 8.02 13.51
N GLU A 294 -14.17 8.77 12.50
CA GLU A 294 -14.40 8.38 11.10
C GLU A 294 -13.67 7.09 10.74
N LEU A 295 -12.42 6.99 11.19
CA LEU A 295 -11.64 5.79 10.97
C LEU A 295 -12.32 4.59 11.62
N ILE A 296 -12.85 4.75 12.83
CA ILE A 296 -13.56 3.65 13.47
C ILE A 296 -14.71 3.18 12.59
N LYS A 297 -15.51 4.12 12.10
CA LYS A 297 -16.61 3.75 11.20
C LYS A 297 -16.07 3.13 9.91
N ILE A 298 -15.03 3.73 9.35
CA ILE A 298 -14.51 3.22 8.07
C ILE A 298 -14.01 1.79 8.19
N LEU A 299 -13.32 1.50 9.28
CA LEU A 299 -12.66 0.20 9.43
C LEU A 299 -13.55 -0.86 10.06
N GLU A 300 -14.68 -0.41 10.58
CA GLU A 300 -15.58 -1.28 11.32
C GLU A 300 -16.00 -2.53 10.53
N PRO A 301 -16.44 -2.34 9.27
CA PRO A 301 -16.85 -3.52 8.49
C PRO A 301 -15.72 -4.54 8.35
N ILE A 302 -14.48 -4.08 8.20
CA ILE A 302 -13.34 -4.99 8.08
C ILE A 302 -13.12 -5.78 9.37
N ARG A 303 -13.12 -5.08 10.50
CA ARG A 303 -12.88 -5.71 11.79
C ARG A 303 -13.96 -6.73 12.10
N LYS A 304 -15.21 -6.39 11.78
CA LYS A 304 -16.30 -7.29 12.15
C LYS A 304 -16.36 -8.52 11.23
N ARG A 305 -16.05 -8.34 9.95
CA ARG A 305 -15.91 -9.48 9.05
C ARG A 305 -14.89 -10.45 9.59
N LEU A 306 -13.76 -9.92 10.05
CA LEU A 306 -12.67 -10.77 10.54
C LEU A 306 -13.07 -11.50 11.81
N ALA A 307 -13.69 -10.77 12.73
CA ALA A 307 -14.10 -11.35 14.00
C ALA A 307 -15.20 -12.41 13.80
N ALA A 308 -16.07 -12.19 12.82
CA ALA A 308 -17.17 -13.12 12.55
C ALA A 308 -16.69 -14.42 11.89
N HIS A 309 -15.42 -14.47 11.52
CA HIS A 309 -14.84 -15.69 10.94
C HIS A 309 -14.30 -16.63 12.02
N HIS A 310 -15.00 -17.75 12.21
CA HIS A 310 -14.56 -18.84 13.08
C HIS A 310 -14.77 -20.17 12.38
CAN 3YM B . 10.09 -10.45 -4.51
OAM 3YM B . 8.71 -10.67 -4.43
CAJ 3YM B . 7.85 -9.58 -4.27
CD2 3YM B . 8.00 -8.70 -3.20
CAK 3YM B . 6.81 -9.39 -5.17
OAL 3YM B . 6.64 -10.27 -6.21
CAI 3YM B . 5.94 -8.32 -5.03
CD1 3YM B . 6.10 -7.43 -3.97
CG 3YM B . 7.13 -7.62 -3.05
CB 3YM B . 7.30 -6.70 -1.93
CA 3YM B . 7.85 -5.30 -2.18
C 3YM B . 8.03 -4.48 -0.94
O 3YM B . 9.01 -4.72 -0.14
N 3YM B . 9.15 -5.32 -2.84
OXT 3YM B . 7.21 -3.56 -0.67
#